data_4GOW
#
_entry.id   4GOW
#
_cell.length_a   104.075
_cell.length_b   104.075
_cell.length_c   113.729
_cell.angle_alpha   90.00
_cell.angle_beta   90.00
_cell.angle_gamma   120.00
#
_symmetry.space_group_name_H-M   'P 65 2 2'
#
loop_
_entity.id
_entity.type
_entity.pdbx_description
1 polymer Calmodulin
2 polymer 'Potassium voltage-gated channel subfamily KQT member 4'
3 non-polymer 'CALCIUM ION'
4 water water
#
loop_
_entity_poly.entity_id
_entity_poly.type
_entity_poly.pdbx_seq_one_letter_code
_entity_poly.pdbx_strand_id
1 'polypeptide(L)'
;QLTEEQIAEFKEAFSLFDKDGDGTITTKELGTVMRSLGQNPTEAELQDMINEVDADGNGTIDFPEFLTMMARKMKDTDSE
EEIREAFRVFDKDGNGYISAAELRHVMTNLGEKLTDEEVDEMIREADIDGDGQVNYEEFVQMMT
;
D
2 'polypeptide(L)' TVDDIMPAVKTVIRSIRILKFLVAKRKFKETLRPYDVKDVIEQYSAGHLDMLGRIKSLQTRVDQIVGRGPGD A
#
# COMPACT_ATOMS: atom_id res chain seq x y z
N GLN A 1 -19.17 -4.04 14.78
CA GLN A 1 -19.30 -4.46 13.39
C GLN A 1 -18.00 -4.29 12.63
N LEU A 2 -17.06 -3.59 13.26
CA LEU A 2 -15.70 -3.53 12.75
C LEU A 2 -14.98 -4.68 13.44
N THR A 3 -14.61 -5.70 12.68
CA THR A 3 -14.02 -6.88 13.28
C THR A 3 -12.61 -6.56 13.80
N GLU A 4 -12.08 -7.43 14.64
CA GLU A 4 -10.74 -7.24 15.17
C GLU A 4 -9.71 -7.49 14.08
N GLU A 5 -10.13 -8.18 13.03
CA GLU A 5 -9.24 -8.55 11.94
C GLU A 5 -9.15 -7.44 10.89
N GLN A 6 -10.24 -6.70 10.71
CA GLN A 6 -10.27 -5.58 9.78
C GLN A 6 -9.47 -4.41 10.35
N ILE A 7 -9.58 -4.21 11.66
CA ILE A 7 -8.86 -3.15 12.35
C ILE A 7 -7.36 -3.36 12.29
N ALA A 8 -6.93 -4.60 12.54
CA ALA A 8 -5.51 -4.94 12.44
C ALA A 8 -5.04 -4.87 10.98
N GLU A 9 -5.95 -5.15 10.06
CA GLU A 9 -5.67 -5.03 8.64
C GLU A 9 -5.40 -3.57 8.29
N PHE A 10 -6.20 -2.68 8.87
CA PHE A 10 -6.06 -1.25 8.67
C PHE A 10 -4.86 -0.69 9.43
N LYS A 11 -4.55 -1.30 10.57
CA LYS A 11 -3.40 -0.88 11.37
C LYS A 11 -2.08 -1.19 10.66
N GLU A 12 -2.01 -2.37 10.05
CA GLU A 12 -0.81 -2.76 9.31
C GLU A 12 -0.59 -1.88 8.07
N ALA A 13 -1.68 -1.45 7.46
CA ALA A 13 -1.59 -0.54 6.31
C ALA A 13 -1.11 0.84 6.74
N PHE A 14 -1.56 1.27 7.91
CA PHE A 14 -1.18 2.57 8.45
C PHE A 14 0.31 2.61 8.79
N SER A 15 0.80 1.51 9.36
CA SER A 15 2.19 1.43 9.79
C SER A 15 3.15 1.37 8.60
N LEU A 16 2.63 0.99 7.44
CA LEU A 16 3.43 1.01 6.22
C LEU A 16 3.71 2.46 5.83
N PHE A 17 2.69 3.30 5.94
CA PHE A 17 2.83 4.74 5.69
C PHE A 17 3.72 5.36 6.77
N ASP A 18 3.31 5.18 8.02
CA ASP A 18 4.01 5.75 9.16
C ASP A 18 5.35 5.07 9.39
N LYS A 19 6.32 5.38 8.53
CA LYS A 19 7.65 4.78 8.57
C LYS A 19 8.44 5.13 9.83
N ASP A 20 8.17 6.28 10.42
CA ASP A 20 8.92 6.72 11.61
C ASP A 20 8.22 6.38 12.93
N GLY A 21 7.00 5.86 12.85
CA GLY A 21 6.28 5.44 14.04
C GLY A 21 5.77 6.56 14.94
N ASP A 22 5.64 7.78 14.40
CA ASP A 22 5.16 8.90 15.22
C ASP A 22 3.64 8.98 15.30
N GLY A 23 2.96 8.00 14.72
CA GLY A 23 1.51 7.93 14.79
C GLY A 23 0.77 8.79 13.77
N THR A 24 1.52 9.42 12.87
CA THR A 24 0.91 10.28 11.86
C THR A 24 1.44 10.03 10.45
N ILE A 25 0.55 10.12 9.46
CA ILE A 25 0.94 10.08 8.06
C ILE A 25 1.08 11.51 7.53
N THR A 26 2.28 11.85 7.06
CA THR A 26 2.51 13.17 6.50
C THR A 26 2.47 13.12 4.98
N THR A 27 2.59 14.28 4.33
CA THR A 27 2.62 14.34 2.88
C THR A 27 3.84 13.57 2.35
N LYS A 28 4.94 13.63 3.09
CA LYS A 28 6.16 12.93 2.69
C LYS A 28 5.94 11.43 2.66
N GLU A 29 5.39 10.90 3.74
CA GLU A 29 5.14 9.46 3.85
C GLU A 29 4.07 9.00 2.87
N LEU A 30 3.11 9.86 2.59
CA LEU A 30 2.07 9.55 1.61
C LEU A 30 2.65 9.53 0.20
N GLY A 31 3.42 10.57 -0.13
CA GLY A 31 4.06 10.67 -1.44
C GLY A 31 5.10 9.60 -1.68
N THR A 32 5.79 9.18 -0.63
CA THR A 32 6.82 8.14 -0.75
C THR A 32 6.19 6.81 -1.15
N VAL A 33 5.09 6.47 -0.50
CA VAL A 33 4.35 5.24 -0.79
C VAL A 33 3.77 5.26 -2.20
N MET A 34 3.14 6.37 -2.57
CA MET A 34 2.52 6.49 -3.90
C MET A 34 3.54 6.36 -5.02
N ARG A 35 4.76 6.85 -4.79
CA ARG A 35 5.83 6.72 -5.79
C ARG A 35 6.35 5.29 -5.88
N SER A 36 6.41 4.60 -4.74
CA SER A 36 6.84 3.21 -4.72
C SER A 36 5.82 2.36 -5.45
N LEU A 37 4.57 2.82 -5.40
CA LEU A 37 3.47 2.12 -6.06
C LEU A 37 3.31 2.55 -7.52
N GLY A 38 4.29 3.27 -8.03
CA GLY A 38 4.33 3.61 -9.44
C GLY A 38 3.64 4.90 -9.86
N GLN A 39 3.08 5.63 -8.89
CA GLN A 39 2.43 6.90 -9.21
C GLN A 39 3.36 8.09 -9.01
N ASN A 40 3.02 9.23 -9.59
CA ASN A 40 3.80 10.44 -9.39
C ASN A 40 2.91 11.60 -8.95
N PRO A 41 2.55 11.61 -7.66
CA PRO A 41 1.63 12.62 -7.11
C PRO A 41 2.27 14.01 -7.06
N THR A 42 1.50 15.01 -7.48
CA THR A 42 1.92 16.40 -7.36
C THR A 42 1.88 16.79 -5.88
N GLU A 43 2.82 17.63 -5.45
CA GLU A 43 2.92 17.98 -4.03
C GLU A 43 1.68 18.70 -3.50
N ALA A 44 0.89 19.27 -4.40
CA ALA A 44 -0.33 19.96 -4.03
C ALA A 44 -1.51 19.00 -3.81
N GLU A 45 -1.61 17.97 -4.64
CA GLU A 45 -2.67 16.97 -4.48
C GLU A 45 -2.36 16.03 -3.32
N LEU A 46 -1.09 15.99 -2.90
CA LEU A 46 -0.72 15.28 -1.68
C LEU A 46 -1.35 16.04 -0.50
N GLN A 47 -1.20 17.36 -0.53
CA GLN A 47 -1.81 18.24 0.47
C GLN A 47 -3.34 18.13 0.47
N ASP A 48 -3.93 18.06 -0.73
CA ASP A 48 -5.38 17.95 -0.84
C ASP A 48 -5.89 16.59 -0.36
N MET A 49 -5.06 15.56 -0.43
CA MET A 49 -5.43 14.24 0.04
C MET A 49 -5.46 14.17 1.57
N ILE A 50 -4.45 14.74 2.22
CA ILE A 50 -4.42 14.81 3.68
C ILE A 50 -5.58 15.67 4.17
N ASN A 51 -5.87 16.72 3.41
CA ASN A 51 -6.89 17.70 3.79
C ASN A 51 -8.31 17.14 3.87
N GLU A 52 -8.60 16.12 3.06
CA GLU A 52 -9.93 15.53 3.02
C GLU A 52 -10.28 14.77 4.30
N VAL A 53 -9.27 14.23 4.96
CA VAL A 53 -9.51 13.38 6.13
C VAL A 53 -8.93 13.94 7.42
N ASP A 54 -8.13 15.00 7.31
CA ASP A 54 -7.59 15.66 8.50
C ASP A 54 -8.70 16.45 9.20
N ALA A 55 -9.24 15.88 10.27
CA ALA A 55 -10.39 16.47 10.96
C ALA A 55 -10.00 17.59 11.92
N ASP A 56 -8.75 17.58 12.39
CA ASP A 56 -8.29 18.60 13.32
C ASP A 56 -7.24 19.56 12.73
N GLY A 57 -7.15 19.60 11.41
CA GLY A 57 -6.31 20.56 10.72
C GLY A 57 -4.83 20.71 11.07
N ASN A 58 -4.16 19.62 11.46
CA ASN A 58 -2.72 19.71 11.75
C ASN A 58 -1.84 19.26 10.59
N GLY A 59 -2.47 18.95 9.45
CA GLY A 59 -1.74 18.57 8.26
C GLY A 59 -1.23 17.13 8.25
N THR A 60 -1.77 16.30 9.14
CA THR A 60 -1.41 14.89 9.19
C THR A 60 -2.64 14.00 9.31
N ILE A 61 -2.51 12.75 8.89
CA ILE A 61 -3.53 11.75 9.13
C ILE A 61 -3.08 10.87 10.28
N ASP A 62 -3.91 10.73 11.30
CA ASP A 62 -3.60 9.76 12.35
C ASP A 62 -4.47 8.52 12.16
N PHE A 63 -4.27 7.51 12.99
CA PHE A 63 -4.94 6.23 12.78
C PHE A 63 -6.47 6.26 12.84
N PRO A 64 -7.05 6.93 13.86
CA PRO A 64 -8.53 7.00 13.87
C PRO A 64 -9.11 7.69 12.64
N GLU A 65 -8.45 8.74 12.15
CA GLU A 65 -8.86 9.40 10.91
C GLU A 65 -8.73 8.43 9.74
N PHE A 66 -7.63 7.68 9.73
CA PHE A 66 -7.39 6.67 8.70
C PHE A 66 -8.45 5.58 8.80
N LEU A 67 -8.76 5.18 10.04
CA LEU A 67 -9.77 4.16 10.30
C LEU A 67 -11.14 4.62 9.83
N THR A 68 -11.45 5.90 10.07
CA THR A 68 -12.76 6.46 9.76
C THR A 68 -13.06 6.40 8.26
N MET A 69 -12.06 6.70 7.42
CA MET A 69 -12.29 6.74 5.98
C MET A 69 -12.19 5.36 5.33
N MET A 70 -11.52 4.42 5.98
CA MET A 70 -11.45 3.06 5.46
C MET A 70 -12.72 2.29 5.84
N ALA A 71 -13.30 2.65 6.97
CA ALA A 71 -14.50 1.97 7.48
C ALA A 71 -15.78 2.42 6.75
N ARG A 72 -15.76 3.63 6.21
CA ARG A 72 -16.90 4.15 5.46
C ARG A 72 -17.13 3.38 4.16
N LYS A 73 -16.05 2.91 3.54
CA LYS A 73 -16.15 2.27 2.23
C LYS A 73 -15.68 0.82 2.22
N MET A 74 -16.24 -0.02 3.08
CA MET A 74 -15.87 -1.43 3.07
C MET A 74 -16.75 -2.26 2.15
N LYS A 75 -17.32 -1.63 1.12
CA LYS A 75 -18.08 -2.36 0.14
C LYS A 75 -17.17 -3.23 -0.73
N ASP A 76 -17.05 -4.50 -0.34
CA ASP A 76 -16.33 -5.50 -1.13
C ASP A 76 -14.90 -5.08 -1.43
N SER A 79 -12.56 -7.25 -4.20
CA SER A 79 -11.31 -7.53 -3.50
C SER A 79 -10.40 -8.46 -4.30
N GLU A 80 -10.77 -8.73 -5.54
CA GLU A 80 -9.94 -9.55 -6.42
C GLU A 80 -9.14 -8.68 -7.39
N GLU A 81 -9.80 -7.67 -7.95
CA GLU A 81 -9.13 -6.73 -8.83
C GLU A 81 -8.13 -5.92 -8.01
N GLU A 82 -8.40 -5.82 -6.70
CA GLU A 82 -7.49 -5.20 -5.75
C GLU A 82 -6.16 -5.95 -5.77
N ILE A 83 -6.25 -7.28 -5.71
CA ILE A 83 -5.09 -8.14 -5.76
C ILE A 83 -4.46 -8.10 -7.16
N ARG A 84 -5.30 -8.03 -8.18
CA ARG A 84 -4.81 -8.00 -9.56
C ARG A 84 -4.02 -6.73 -9.84
N GLU A 85 -4.63 -5.57 -9.59
CA GLU A 85 -3.97 -4.27 -9.73
C GLU A 85 -2.67 -4.21 -8.94
N ALA A 86 -2.68 -4.79 -7.73
CA ALA A 86 -1.49 -4.84 -6.90
C ALA A 86 -0.35 -5.56 -7.62
N PHE A 87 -0.69 -6.64 -8.31
CA PHE A 87 0.29 -7.39 -9.09
C PHE A 87 0.82 -6.55 -10.25
N ARG A 88 -0.07 -5.80 -10.88
CA ARG A 88 0.30 -4.94 -12.00
C ARG A 88 1.27 -3.86 -11.55
N VAL A 89 1.16 -3.45 -10.29
CA VAL A 89 2.08 -2.48 -9.71
C VAL A 89 3.49 -3.07 -9.59
N PHE A 90 3.57 -4.27 -9.05
CA PHE A 90 4.85 -4.94 -8.81
C PHE A 90 5.55 -5.38 -10.10
N ASP A 91 4.77 -5.88 -11.06
CA ASP A 91 5.35 -6.29 -12.35
C ASP A 91 5.54 -5.08 -13.26
N LYS A 92 6.70 -4.44 -13.13
CA LYS A 92 7.00 -3.20 -13.85
C LYS A 92 7.13 -3.38 -15.36
N ASP A 93 7.81 -4.44 -15.80
CA ASP A 93 7.98 -4.68 -17.22
C ASP A 93 6.82 -5.42 -17.86
N GLY A 94 5.69 -5.49 -17.16
CA GLY A 94 4.50 -6.15 -17.66
C GLY A 94 4.70 -7.57 -18.17
N ASN A 95 5.75 -8.25 -17.72
CA ASN A 95 6.09 -9.57 -18.24
C ASN A 95 5.32 -10.74 -17.64
N GLY A 96 4.52 -10.47 -16.62
CA GLY A 96 3.73 -11.50 -15.97
C GLY A 96 4.42 -12.13 -14.76
N TYR A 97 5.66 -11.73 -14.51
CA TYR A 97 6.41 -12.24 -13.36
C TYR A 97 7.01 -11.09 -12.56
N ILE A 98 6.90 -11.19 -11.23
CA ILE A 98 7.56 -10.24 -10.35
C ILE A 98 8.96 -10.77 -10.04
N SER A 99 9.99 -10.05 -10.47
CA SER A 99 11.36 -10.46 -10.21
C SER A 99 11.76 -10.08 -8.79
N ALA A 100 12.95 -10.47 -8.39
CA ALA A 100 13.48 -10.06 -7.10
C ALA A 100 13.81 -8.57 -7.16
N ALA A 101 14.34 -8.14 -8.30
CA ALA A 101 14.67 -6.74 -8.54
C ALA A 101 13.41 -5.87 -8.64
N GLU A 102 12.35 -6.43 -9.22
CA GLU A 102 11.08 -5.72 -9.31
C GLU A 102 10.47 -5.59 -7.92
N LEU A 103 10.81 -6.54 -7.05
CA LEU A 103 10.30 -6.56 -5.69
C LEU A 103 11.24 -5.79 -4.77
N ARG A 104 12.51 -5.71 -5.15
CA ARG A 104 13.49 -4.93 -4.42
C ARG A 104 13.19 -3.45 -4.58
N HIS A 105 13.00 -3.04 -5.83
CA HIS A 105 12.77 -1.64 -6.18
C HIS A 105 11.49 -1.03 -5.61
N VAL A 106 10.62 -1.87 -5.04
CA VAL A 106 9.42 -1.36 -4.37
C VAL A 106 9.67 -1.22 -2.87
N MET A 107 10.22 -2.26 -2.27
CA MET A 107 10.57 -2.25 -0.84
C MET A 107 11.68 -1.24 -0.55
N THR A 108 12.57 -1.04 -1.51
CA THR A 108 13.60 -0.01 -1.38
C THR A 108 12.95 1.38 -1.43
N ASN A 109 12.08 1.58 -2.42
CA ASN A 109 11.36 2.83 -2.57
C ASN A 109 10.43 3.13 -1.39
N LEU A 110 9.90 2.07 -0.77
CA LEU A 110 9.02 2.22 0.39
C LEU A 110 9.78 2.67 1.63
N GLY A 111 11.09 2.43 1.64
CA GLY A 111 11.90 2.71 2.81
C GLY A 111 11.71 1.62 3.84
N GLU A 112 11.56 0.39 3.36
CA GLU A 112 11.36 -0.77 4.22
C GLU A 112 12.65 -1.11 4.97
N LYS A 113 13.78 -0.70 4.40
CA LYS A 113 15.09 -0.97 4.98
C LYS A 113 15.33 -2.47 5.14
N LEU A 114 15.15 -3.20 4.03
CA LEU A 114 15.37 -4.64 4.02
C LEU A 114 16.59 -4.99 3.18
N THR A 115 17.28 -6.04 3.56
CA THR A 115 18.49 -6.44 2.83
C THR A 115 18.13 -7.18 1.55
N ASP A 116 19.08 -7.25 0.63
CA ASP A 116 18.88 -7.88 -0.66
C ASP A 116 18.67 -9.39 -0.52
N GLU A 117 19.08 -9.93 0.62
CA GLU A 117 18.85 -11.34 0.94
C GLU A 117 17.46 -11.51 1.56
N GLU A 118 17.08 -10.54 2.39
CA GLU A 118 15.74 -10.50 2.97
C GLU A 118 14.67 -10.45 1.88
N VAL A 119 14.94 -9.66 0.83
CA VAL A 119 14.04 -9.58 -0.31
C VAL A 119 13.99 -10.92 -1.02
N ASP A 120 15.16 -11.50 -1.25
CA ASP A 120 15.28 -12.78 -1.94
C ASP A 120 14.63 -13.94 -1.19
N GLU A 121 14.44 -13.78 0.11
CA GLU A 121 13.78 -14.81 0.91
C GLU A 121 12.26 -14.65 0.83
N MET A 122 11.82 -13.44 0.54
CA MET A 122 10.40 -13.16 0.34
C MET A 122 9.89 -13.80 -0.94
N ILE A 123 10.70 -13.71 -1.99
CA ILE A 123 10.39 -14.37 -3.26
C ILE A 123 10.41 -15.89 -3.09
N ARG A 124 11.44 -16.38 -2.41
CA ARG A 124 11.62 -17.81 -2.18
C ARG A 124 10.41 -18.46 -1.51
N GLU A 125 9.80 -17.76 -0.57
CA GLU A 125 8.64 -18.28 0.13
C GLU A 125 7.43 -18.29 -0.79
N ALA A 126 7.37 -17.30 -1.69
CA ALA A 126 6.23 -17.13 -2.58
C ALA A 126 6.35 -17.94 -3.88
N ASP A 127 7.58 -18.10 -4.37
CA ASP A 127 7.80 -18.82 -5.63
C ASP A 127 7.61 -20.33 -5.46
N ILE A 128 6.42 -20.81 -5.82
CA ILE A 128 6.07 -22.22 -5.66
C ILE A 128 6.71 -23.13 -6.73
N ASP A 129 6.56 -22.79 -8.00
CA ASP A 129 7.10 -23.63 -9.06
C ASP A 129 8.62 -23.58 -9.24
N GLY A 130 9.29 -22.70 -8.48
CA GLY A 130 10.74 -22.67 -8.46
C GLY A 130 11.45 -22.02 -9.64
N ASP A 131 10.76 -21.21 -10.42
CA ASP A 131 11.40 -20.55 -11.57
C ASP A 131 12.12 -19.27 -11.18
N GLY A 132 12.13 -18.94 -9.90
CA GLY A 132 12.83 -17.75 -9.41
C GLY A 132 11.99 -16.49 -9.50
N GLN A 133 10.77 -16.60 -10.00
CA GLN A 133 9.88 -15.46 -10.14
C GLN A 133 8.51 -15.75 -9.56
N VAL A 134 7.79 -14.69 -9.19
CA VAL A 134 6.43 -14.82 -8.67
C VAL A 134 5.42 -14.47 -9.75
N ASN A 135 4.63 -15.45 -10.18
CA ASN A 135 3.53 -15.16 -11.10
C ASN A 135 2.26 -14.80 -10.32
N TYR A 136 1.18 -14.53 -11.04
CA TYR A 136 -0.04 -14.02 -10.43
C TYR A 136 -0.68 -15.00 -9.45
N GLU A 137 -0.69 -16.28 -9.80
CA GLU A 137 -1.34 -17.28 -8.96
C GLU A 137 -0.51 -17.55 -7.70
N GLU A 138 0.81 -17.47 -7.81
CA GLU A 138 1.69 -17.54 -6.64
C GLU A 138 1.48 -16.28 -5.81
N PHE A 139 1.32 -15.16 -6.50
CA PHE A 139 1.10 -13.87 -5.86
C PHE A 139 -0.21 -13.85 -5.08
N VAL A 140 -1.23 -14.51 -5.62
CA VAL A 140 -2.52 -14.59 -4.93
C VAL A 140 -2.39 -15.30 -3.59
N GLN A 141 -1.75 -16.48 -3.59
CA GLN A 141 -1.56 -17.25 -2.37
C GLN A 141 -0.73 -16.50 -1.32
N MET A 142 0.21 -15.68 -1.78
CA MET A 142 1.04 -14.89 -0.89
C MET A 142 0.23 -13.83 -0.15
N MET A 143 -0.71 -13.20 -0.86
CA MET A 143 -1.57 -12.18 -0.27
C MET A 143 -2.63 -12.82 0.63
N THR A 144 -3.33 -13.82 0.09
CA THR A 144 -4.40 -14.49 0.80
C THR A 144 -3.88 -15.47 1.85
N ASP B 3 6.80 -10.53 6.53
CA ASP B 3 5.82 -11.55 6.21
C ASP B 3 4.41 -10.99 6.16
N ASP B 4 4.12 -10.05 7.05
CA ASP B 4 2.81 -9.41 7.10
C ASP B 4 2.81 -8.11 6.31
N ILE B 5 3.88 -7.87 5.56
CA ILE B 5 4.03 -6.67 4.75
C ILE B 5 3.14 -6.69 3.51
N MET B 6 3.21 -7.77 2.74
CA MET B 6 2.57 -7.84 1.43
C MET B 6 1.03 -7.71 1.42
N PRO B 7 0.32 -8.40 2.32
CA PRO B 7 -1.13 -8.19 2.34
C PRO B 7 -1.53 -6.75 2.68
N ALA B 8 -0.69 -6.07 3.46
CA ALA B 8 -0.94 -4.68 3.82
C ALA B 8 -0.82 -3.76 2.60
N VAL B 9 0.00 -4.15 1.64
CA VAL B 9 0.16 -3.37 0.42
C VAL B 9 -1.16 -3.31 -0.35
N LYS B 10 -1.93 -4.39 -0.27
CA LYS B 10 -3.22 -4.49 -0.95
C LYS B 10 -4.19 -3.43 -0.44
N THR B 11 -4.23 -3.27 0.88
CA THR B 11 -5.14 -2.31 1.50
C THR B 11 -4.57 -0.89 1.43
N VAL B 12 -3.25 -0.77 1.37
CA VAL B 12 -2.60 0.52 1.17
C VAL B 12 -3.03 1.12 -0.16
N ILE B 13 -3.07 0.28 -1.19
CA ILE B 13 -3.53 0.68 -2.51
C ILE B 13 -4.97 1.17 -2.47
N ARG B 14 -5.83 0.47 -1.74
CA ARG B 14 -7.23 0.86 -1.62
C ARG B 14 -7.38 2.19 -0.91
N SER B 15 -6.53 2.44 0.08
CA SER B 15 -6.57 3.69 0.84
C SER B 15 -6.24 4.90 -0.02
N ILE B 16 -5.38 4.70 -1.01
CA ILE B 16 -4.99 5.76 -1.94
C ILE B 16 -6.11 6.04 -2.94
N ARG B 17 -6.76 4.98 -3.43
CA ARG B 17 -7.92 5.12 -4.31
C ARG B 17 -9.02 5.91 -3.63
N ILE B 18 -9.23 5.64 -2.35
CA ILE B 18 -10.25 6.31 -1.56
C ILE B 18 -9.89 7.79 -1.34
N LEU B 19 -8.63 8.05 -1.00
CA LEU B 19 -8.17 9.43 -0.82
C LEU B 19 -8.33 10.24 -2.10
N LYS B 20 -7.93 9.66 -3.22
CA LYS B 20 -8.05 10.33 -4.51
C LYS B 20 -9.51 10.52 -4.92
N PHE B 21 -10.37 9.60 -4.47
CA PHE B 21 -11.80 9.71 -4.76
C PHE B 21 -12.44 10.83 -3.95
N LEU B 22 -12.01 10.97 -2.70
CA LEU B 22 -12.53 12.01 -1.81
C LEU B 22 -12.21 13.42 -2.34
N VAL B 23 -11.03 13.58 -2.95
CA VAL B 23 -10.65 14.86 -3.52
C VAL B 23 -11.46 15.14 -4.79
N ALA B 24 -11.56 14.15 -5.64
CA ALA B 24 -12.31 14.24 -6.89
C ALA B 24 -13.80 14.49 -6.64
N LYS B 25 -14.30 13.98 -5.52
CA LYS B 25 -15.69 14.18 -5.15
C LYS B 25 -15.90 15.65 -4.82
N ARG B 26 -14.93 16.22 -4.12
CA ARG B 26 -14.93 17.65 -3.80
C ARG B 26 -14.78 18.54 -5.03
N LYS B 27 -13.85 18.16 -5.92
CA LYS B 27 -13.58 18.97 -7.11
C LYS B 27 -14.75 18.96 -8.09
N PHE B 28 -15.69 18.04 -7.88
CA PHE B 28 -16.88 17.99 -8.72
C PHE B 28 -18.13 18.35 -7.93
#